data_7R9B
#
_entry.id   7R9B
#
_cell.length_a   108.937
_cell.length_b   108.937
_cell.length_c   41.015
_cell.angle_alpha   90.000
_cell.angle_beta   90.000
_cell.angle_gamma   120.000
#
_symmetry.space_group_name_H-M   'P 31 2 1'
#
loop_
_entity.id
_entity.type
_entity.pdbx_description
1 polymer 'Triosephosphate isomerase'
2 non-polymer 'PHOSPHATE ION'
3 water water
#
_entity_poly.entity_id   1
_entity_poly.type   'polypeptide(L)'
_entity_poly.pdbx_seq_one_letter_code
;MKYIIANWKAHKTLEEASAWVDSVNKQISQTPDVQRKLEDDELIILIAAPFPFLVPLSQKISQKNLAVAAQDVSVYGEGA
YTGEVTAKMLKGVTTHVLIGHSERKDYFHETDEVVLKKSEQVLSQGLSPIFCIQNESNKIPEGANIIAYDPKEAIGTGKN
VPGEETATFRKKLNLFPDAVFLYGGSVNPESIDEYLSHPEINGFLVGGSSLDPEEFFELVKKL
;
_entity_poly.pdbx_strand_id   A
#
loop_
_chem_comp.id
_chem_comp.type
_chem_comp.name
_chem_comp.formula
PO4 non-polymer 'PHOSPHATE ION' 'O4 P -3'
#
# COMPACT_ATOMS: atom_id res chain seq x y z
N MET A 1 -1.21 15.58 -0.55
CA MET A 1 -0.77 14.30 -1.12
C MET A 1 -1.34 13.12 -0.34
N LYS A 2 -2.56 12.70 -0.68
CA LYS A 2 -3.19 11.52 -0.07
C LYS A 2 -2.82 10.27 -0.85
N TYR A 3 -2.54 9.19 -0.12
CA TYR A 3 -2.24 7.88 -0.70
C TYR A 3 -3.39 6.92 -0.44
N ILE A 4 -3.73 6.10 -1.42
CA ILE A 4 -4.64 5.00 -1.17
C ILE A 4 -4.14 3.77 -1.91
N ILE A 5 -4.04 2.65 -1.19
CA ILE A 5 -3.45 1.42 -1.69
C ILE A 5 -4.53 0.35 -1.63
N ALA A 6 -4.84 -0.24 -2.78
CA ALA A 6 -5.69 -1.42 -2.83
C ALA A 6 -4.80 -2.65 -2.66
N ASN A 7 -4.87 -3.29 -1.50
CA ASN A 7 -4.09 -4.50 -1.23
C ASN A 7 -4.99 -5.71 -1.45
N TRP A 8 -4.92 -6.29 -2.66
CA TRP A 8 -5.68 -7.49 -3.00
C TRP A 8 -5.23 -8.71 -2.21
N LYS A 9 -4.05 -8.64 -1.58
CA LYS A 9 -3.47 -9.80 -0.91
C LYS A 9 -3.50 -10.97 -1.89
N ALA A 10 -3.82 -12.18 -1.44
CA ALA A 10 -3.71 -13.34 -2.32
C ALA A 10 -5.05 -13.62 -3.02
N HIS A 11 -5.54 -12.62 -3.75
CA HIS A 11 -6.84 -12.67 -4.40
C HIS A 11 -6.70 -12.32 -5.87
N LYS A 12 -7.61 -12.90 -6.66
CA LYS A 12 -7.91 -12.53 -8.05
C LYS A 12 -7.15 -13.40 -9.05
N THR A 13 -7.81 -13.71 -10.15
CA THR A 13 -7.18 -14.23 -11.36
C THR A 13 -6.74 -13.07 -12.24
N LEU A 14 -5.90 -13.37 -13.23
CA LEU A 14 -5.55 -12.35 -14.21
C LEU A 14 -6.80 -11.67 -14.77
N GLU A 15 -7.83 -12.46 -15.07
CA GLU A 15 -9.06 -11.92 -15.66
C GLU A 15 -9.80 -11.03 -14.65
N GLU A 16 -10.01 -11.53 -13.43
CA GLU A 16 -10.62 -10.71 -12.38
C GLU A 16 -9.82 -9.43 -12.15
N ALA A 17 -8.49 -9.53 -12.14
CA ALA A 17 -7.65 -8.36 -11.89
C ALA A 17 -7.76 -7.34 -13.01
N SER A 18 -7.87 -7.81 -14.26
CA SER A 18 -7.96 -6.87 -15.37
C SER A 18 -9.32 -6.19 -15.41
N ALA A 19 -10.38 -6.94 -15.10
CA ALA A 19 -11.71 -6.35 -14.97
C ALA A 19 -11.71 -5.23 -13.93
N TRP A 20 -11.05 -5.47 -12.80
CA TRP A 20 -10.94 -4.47 -11.75
C TRP A 20 -10.35 -3.17 -12.30
N VAL A 21 -9.28 -3.28 -13.10
CA VAL A 21 -8.63 -2.09 -13.64
C VAL A 21 -9.55 -1.36 -14.63
N ASP A 22 -10.37 -2.09 -15.38
CA ASP A 22 -11.29 -1.43 -16.27
C ASP A 22 -12.39 -0.71 -15.48
N SER A 23 -12.84 -1.32 -14.39
CA SER A 23 -13.85 -0.66 -13.56
C SER A 23 -13.30 0.62 -12.93
N VAL A 24 -12.06 0.57 -12.42
CA VAL A 24 -11.49 1.76 -11.79
C VAL A 24 -11.15 2.82 -12.84
N ASN A 25 -10.60 2.40 -13.98
CA ASN A 25 -10.37 3.34 -15.07
C ASN A 25 -11.65 4.08 -15.45
N LYS A 26 -12.73 3.35 -15.70
CA LYS A 26 -13.97 3.98 -16.13
C LYS A 26 -14.49 4.95 -15.08
N GLN A 27 -14.46 4.54 -13.80
CA GLN A 27 -14.91 5.43 -12.74
C GLN A 27 -14.06 6.70 -12.68
N ILE A 28 -12.76 6.58 -12.88
CA ILE A 28 -11.89 7.76 -12.84
C ILE A 28 -12.29 8.74 -13.94
N SER A 29 -12.41 8.24 -15.17
CA SER A 29 -12.80 9.13 -16.27
C SER A 29 -14.20 9.70 -16.05
N GLN A 30 -15.05 8.99 -15.31
CA GLN A 30 -16.38 9.46 -14.99
C GLN A 30 -16.43 10.40 -13.78
N THR A 31 -15.32 10.66 -13.10
CA THR A 31 -15.31 11.41 -11.83
C THR A 31 -14.27 12.52 -11.91
N PRO A 32 -14.63 13.68 -12.47
CA PRO A 32 -13.62 14.72 -12.77
C PRO A 32 -12.91 15.29 -11.54
N ASP A 33 -13.51 15.23 -10.35
CA ASP A 33 -12.78 15.67 -9.15
C ASP A 33 -11.62 14.73 -8.81
N VAL A 34 -11.83 13.42 -8.97
CA VAL A 34 -10.75 12.47 -8.78
C VAL A 34 -9.66 12.67 -9.83
N GLN A 35 -10.06 12.86 -11.09
CA GLN A 35 -9.10 13.11 -12.15
C GLN A 35 -8.25 14.35 -11.84
N ARG A 36 -8.87 15.39 -11.27
CA ARG A 36 -8.14 16.61 -10.95
C ARG A 36 -7.06 16.35 -9.90
N LYS A 37 -7.44 15.70 -8.79
CA LYS A 37 -6.49 15.42 -7.71
C LYS A 37 -5.34 14.55 -8.21
N LEU A 38 -5.64 13.54 -9.03
CA LEU A 38 -4.58 12.72 -9.61
C LEU A 38 -3.62 13.56 -10.44
N GLU A 39 -4.18 14.38 -11.34
CA GLU A 39 -3.35 15.17 -12.23
C GLU A 39 -2.53 16.21 -11.47
N ASP A 40 -3.02 16.68 -10.34
CA ASP A 40 -2.36 17.72 -9.55
C ASP A 40 -1.45 17.16 -8.46
N ASP A 41 -1.18 15.84 -8.48
CA ASP A 41 -0.37 15.20 -7.45
C ASP A 41 -0.93 15.41 -6.05
N GLU A 42 -2.25 15.54 -5.95
CA GLU A 42 -2.91 15.55 -4.67
C GLU A 42 -3.34 14.15 -4.23
N LEU A 43 -3.30 13.18 -5.14
CA LEU A 43 -3.77 11.84 -4.87
C LEU A 43 -2.94 10.86 -5.68
N ILE A 44 -2.59 9.73 -5.06
CA ILE A 44 -2.04 8.59 -5.79
C ILE A 44 -2.80 7.34 -5.39
N ILE A 45 -3.12 6.52 -6.39
CA ILE A 45 -3.79 5.24 -6.19
C ILE A 45 -2.82 4.14 -6.59
N LEU A 46 -2.48 3.29 -5.63
CA LEU A 46 -1.58 2.17 -5.85
C LEU A 46 -2.37 0.87 -5.79
N ILE A 47 -2.18 0.04 -6.80
CA ILE A 47 -2.81 -1.27 -6.87
C ILE A 47 -1.75 -2.28 -6.45
N ALA A 48 -1.82 -2.75 -5.22
CA ALA A 48 -0.84 -3.72 -4.73
C ALA A 48 -1.35 -5.09 -5.14
N ALA A 49 -0.87 -5.58 -6.39
CA ALA A 49 -1.30 -6.79 -7.07
C ALA A 49 -0.26 -7.90 -6.93
N PRO A 50 -0.70 -9.16 -6.91
CA PRO A 50 0.25 -10.29 -6.91
C PRO A 50 1.26 -10.17 -8.05
N PHE A 51 2.50 -10.59 -7.75
CA PHE A 51 3.63 -10.57 -8.69
C PHE A 51 3.27 -10.91 -10.14
N PRO A 52 2.56 -12.01 -10.47
CA PRO A 52 2.36 -12.32 -11.90
C PRO A 52 1.42 -11.36 -12.62
N PHE A 53 0.76 -10.43 -11.93
CA PHE A 53 -0.19 -9.53 -12.55
C PHE A 53 0.37 -8.14 -12.77
N LEU A 54 1.54 -7.82 -12.21
CA LEU A 54 2.02 -6.45 -12.22
C LEU A 54 2.17 -5.89 -13.63
N VAL A 55 2.78 -6.65 -14.53
CA VAL A 55 3.10 -6.17 -15.87
C VAL A 55 1.85 -6.09 -16.76
N PRO A 56 1.03 -7.14 -16.88
CA PRO A 56 -0.20 -6.99 -17.67
C PRO A 56 -1.08 -5.83 -17.21
N LEU A 57 -1.31 -5.71 -15.90
CA LEU A 57 -2.17 -4.63 -15.41
C LEU A 57 -1.58 -3.26 -15.69
N SER A 58 -0.26 -3.10 -15.48
CA SER A 58 0.37 -1.82 -15.75
C SER A 58 0.30 -1.43 -17.22
N GLN A 59 0.10 -2.40 -18.12
CA GLN A 59 -0.07 -2.09 -19.53
C GLN A 59 -1.48 -1.59 -19.84
N LYS A 60 -2.43 -1.80 -18.92
CA LYS A 60 -3.77 -1.28 -19.06
C LYS A 60 -3.95 0.12 -18.47
N ILE A 61 -2.89 0.74 -17.98
CA ILE A 61 -2.99 1.96 -17.18
C ILE A 61 -2.27 3.08 -17.89
N SER A 62 -2.99 4.16 -18.19
CA SER A 62 -2.37 5.38 -18.68
C SER A 62 -2.64 6.58 -17.78
N GLN A 63 -3.50 6.44 -16.77
CA GLN A 63 -3.80 7.55 -15.88
C GLN A 63 -2.61 7.86 -14.98
N LYS A 64 -2.24 9.14 -14.93
CA LYS A 64 -1.20 9.61 -14.03
C LYS A 64 -1.60 9.31 -12.57
N ASN A 65 -0.59 8.93 -11.77
CA ASN A 65 -0.74 8.63 -10.34
C ASN A 65 -1.73 7.49 -10.08
N LEU A 66 -1.96 6.66 -11.09
CA LEU A 66 -2.54 5.33 -10.92
C LEU A 66 -1.49 4.31 -11.36
N ALA A 67 -1.08 3.42 -10.46
CA ALA A 67 0.05 2.56 -10.75
C ALA A 67 -0.02 1.30 -9.89
N VAL A 68 0.65 0.25 -10.39
CA VAL A 68 0.73 -1.00 -9.63
C VAL A 68 1.85 -0.91 -8.61
N ALA A 69 1.74 -1.72 -7.57
CA ALA A 69 2.76 -1.83 -6.54
C ALA A 69 2.88 -3.31 -6.16
N ALA A 70 4.10 -3.72 -5.82
CA ALA A 70 4.30 -5.07 -5.34
C ALA A 70 3.85 -5.18 -3.89
N GLN A 71 3.40 -6.38 -3.50
CA GLN A 71 2.98 -6.63 -2.13
C GLN A 71 4.13 -7.07 -1.23
N ASP A 72 5.30 -7.37 -1.79
CA ASP A 72 6.44 -7.94 -1.04
C ASP A 72 7.63 -7.96 -1.98
N VAL A 73 8.80 -8.37 -1.46
CA VAL A 73 10.00 -8.50 -2.28
C VAL A 73 10.97 -9.40 -1.51
N SER A 74 11.93 -9.99 -2.24
CA SER A 74 12.88 -10.92 -1.64
C SER A 74 13.83 -10.21 -0.67
N VAL A 75 14.23 -10.93 0.39
CA VAL A 75 15.35 -10.46 1.19
C VAL A 75 16.67 -10.58 0.43
N TYR A 76 16.70 -11.35 -0.66
CA TYR A 76 17.92 -11.55 -1.44
C TYR A 76 17.95 -10.67 -2.68
N GLY A 77 19.17 -10.44 -3.16
CA GLY A 77 19.39 -9.84 -4.46
C GLY A 77 19.45 -10.92 -5.53
N GLU A 78 19.93 -10.53 -6.71
CA GLU A 78 20.09 -11.48 -7.81
C GLU A 78 20.95 -12.65 -7.35
N GLY A 79 20.59 -13.85 -7.78
CA GLY A 79 21.34 -15.02 -7.38
C GLY A 79 20.55 -16.29 -7.55
N ALA A 80 21.14 -17.37 -7.04
CA ALA A 80 20.54 -18.70 -7.10
C ALA A 80 19.59 -18.89 -5.91
N TYR A 81 18.43 -18.23 -6.02
CA TYR A 81 17.37 -18.32 -5.00
C TYR A 81 16.06 -18.65 -5.72
N THR A 82 15.89 -19.92 -6.07
CA THR A 82 14.71 -20.35 -6.81
C THR A 82 13.44 -19.85 -6.12
N GLY A 83 12.56 -19.20 -6.89
CA GLY A 83 11.27 -18.76 -6.39
C GLY A 83 11.21 -17.30 -5.96
N GLU A 84 12.35 -16.66 -5.79
CA GLU A 84 12.40 -15.33 -5.20
C GLU A 84 12.18 -14.26 -6.27
N VAL A 85 11.44 -13.21 -5.90
CA VAL A 85 11.30 -12.03 -6.74
C VAL A 85 12.06 -10.89 -6.09
N THR A 86 13.11 -10.40 -6.77
CA THR A 86 14.05 -9.44 -6.21
C THR A 86 13.62 -8.01 -6.54
N ALA A 87 14.14 -7.07 -5.75
CA ALA A 87 13.93 -5.66 -6.04
C ALA A 87 14.39 -5.31 -7.45
N LYS A 88 15.53 -5.86 -7.87
CA LYS A 88 16.03 -5.58 -9.21
C LYS A 88 15.01 -5.96 -10.28
N MET A 89 14.35 -7.11 -10.11
CA MET A 89 13.32 -7.49 -11.06
C MET A 89 12.16 -6.51 -11.07
N LEU A 90 11.89 -5.88 -9.91
CA LEU A 90 10.77 -4.95 -9.81
C LEU A 90 11.14 -3.58 -10.38
N LYS A 91 12.44 -3.23 -10.39
CA LYS A 91 12.88 -1.96 -10.98
C LYS A 91 12.23 -1.73 -12.34
N GLY A 92 12.08 -2.80 -13.12
CA GLY A 92 11.34 -2.69 -14.37
C GLY A 92 9.88 -2.32 -14.20
N VAL A 93 9.18 -2.98 -13.27
CA VAL A 93 7.72 -3.07 -13.37
C VAL A 93 6.97 -2.11 -12.45
N THR A 94 7.59 -1.64 -11.36
CA THR A 94 6.86 -0.83 -10.39
C THR A 94 7.81 0.06 -9.63
N THR A 95 7.27 1.12 -9.05
CA THR A 95 8.05 2.06 -8.26
C THR A 95 7.81 1.92 -6.77
N HIS A 96 6.79 1.17 -6.37
CA HIS A 96 6.44 1.06 -4.96
C HIS A 96 6.40 -0.40 -4.54
N VAL A 97 6.96 -0.68 -3.36
CA VAL A 97 7.03 -2.04 -2.86
C VAL A 97 6.54 -2.05 -1.42
N LEU A 98 5.41 -2.70 -1.18
CA LEU A 98 4.93 -2.96 0.16
C LEU A 98 5.83 -4.00 0.85
N ILE A 99 6.26 -3.71 2.09
CA ILE A 99 7.05 -4.68 2.85
C ILE A 99 6.63 -4.65 4.32
N GLY A 100 6.85 -5.77 5.00
CA GLY A 100 6.62 -5.83 6.43
C GLY A 100 5.19 -6.07 6.86
N HIS A 101 4.30 -6.43 5.93
CA HIS A 101 2.89 -6.62 6.28
C HIS A 101 2.73 -7.60 7.44
N SER A 102 1.80 -7.28 8.33
CA SER A 102 1.51 -8.11 9.50
C SER A 102 1.25 -9.57 9.13
N GLU A 103 0.56 -9.81 8.00
CA GLU A 103 0.33 -11.19 7.59
C GLU A 103 1.64 -11.93 7.32
N ARG A 104 2.66 -11.24 6.82
CA ARG A 104 3.93 -11.94 6.60
C ARG A 104 4.64 -12.21 7.92
N LYS A 105 4.38 -11.40 8.96
CA LYS A 105 4.90 -11.74 10.29
C LYS A 105 4.21 -12.99 10.84
N ASP A 106 2.88 -13.08 10.71
CA ASP A 106 2.14 -14.20 11.29
C ASP A 106 2.42 -15.49 10.54
N TYR A 107 2.34 -15.48 9.22
CA TYR A 107 2.37 -16.71 8.45
C TYR A 107 3.76 -17.13 8.01
N PHE A 108 4.67 -16.18 7.78
CA PHE A 108 6.01 -16.52 7.30
C PHE A 108 7.10 -16.05 8.27
N HIS A 109 6.72 -15.77 9.51
CA HIS A 109 7.66 -15.48 10.61
C HIS A 109 8.69 -14.42 10.21
N GLU A 110 8.28 -13.44 9.42
CA GLU A 110 9.15 -12.31 9.13
C GLU A 110 9.42 -11.54 10.42
N THR A 111 10.69 -11.17 10.61
CA THR A 111 11.17 -10.40 11.75
C THR A 111 11.66 -9.04 11.28
N ASP A 112 11.97 -8.17 12.24
CA ASP A 112 12.48 -6.84 11.87
C ASP A 112 13.72 -6.94 11.00
N GLU A 113 14.66 -7.81 11.36
CA GLU A 113 15.86 -7.98 10.54
C GLU A 113 15.49 -8.29 9.10
N VAL A 114 14.56 -9.22 8.91
CA VAL A 114 14.09 -9.59 7.57
C VAL A 114 13.55 -8.37 6.83
N VAL A 115 12.62 -7.64 7.46
CA VAL A 115 11.99 -6.52 6.77
C VAL A 115 13.02 -5.41 6.48
N LEU A 116 13.92 -5.16 7.43
CA LEU A 116 14.96 -4.16 7.19
C LEU A 116 15.84 -4.55 6.00
N LYS A 117 16.14 -5.84 5.86
CA LYS A 117 16.89 -6.29 4.69
C LYS A 117 16.07 -6.06 3.42
N LYS A 118 14.80 -6.45 3.44
CA LYS A 118 13.95 -6.18 2.29
C LYS A 118 13.93 -4.69 1.96
N SER A 119 13.89 -3.84 2.99
CA SER A 119 13.90 -2.41 2.76
C SER A 119 15.18 -1.96 2.04
N GLU A 120 16.34 -2.48 2.46
CA GLU A 120 17.60 -2.11 1.81
C GLU A 120 17.59 -2.52 0.35
N GLN A 121 17.04 -3.69 0.03
CA GLN A 121 16.98 -4.12 -1.38
C GLN A 121 16.15 -3.15 -2.20
N VAL A 122 14.99 -2.75 -1.68
CA VAL A 122 14.07 -1.88 -2.41
C VAL A 122 14.74 -0.54 -2.70
N LEU A 123 15.34 0.07 -1.68
CA LEU A 123 15.96 1.38 -1.82
C LEU A 123 17.17 1.33 -2.74
N SER A 124 17.96 0.25 -2.66
CA SER A 124 19.16 0.21 -3.48
C SER A 124 18.84 0.12 -4.96
N GLN A 125 17.62 -0.28 -5.32
CA GLN A 125 17.19 -0.28 -6.70
C GLN A 125 16.44 1.00 -7.05
N GLY A 126 16.42 1.97 -6.14
CA GLY A 126 15.74 3.23 -6.41
C GLY A 126 14.23 3.17 -6.34
N LEU A 127 13.68 2.16 -5.67
CA LEU A 127 12.25 2.00 -5.51
C LEU A 127 11.81 2.54 -4.15
N SER A 128 10.50 2.72 -3.98
CA SER A 128 10.00 3.28 -2.72
C SER A 128 9.38 2.19 -1.89
N PRO A 129 9.94 1.87 -0.72
CA PRO A 129 9.25 0.94 0.17
C PRO A 129 8.03 1.59 0.77
N ILE A 130 6.96 0.80 0.90
CA ILE A 130 5.84 1.16 1.75
C ILE A 130 5.98 0.26 2.97
N PHE A 131 6.52 0.83 4.06
CA PHE A 131 7.04 0.07 5.18
C PHE A 131 5.92 -0.11 6.22
N CYS A 132 5.37 -1.31 6.29
CA CYS A 132 4.31 -1.64 7.23
C CYS A 132 4.88 -1.95 8.60
N ILE A 133 4.19 -1.49 9.64
CA ILE A 133 4.55 -1.80 11.02
C ILE A 133 3.29 -2.23 11.76
N GLN A 134 3.48 -3.07 12.77
CA GLN A 134 2.42 -3.57 13.63
C GLN A 134 2.30 -2.80 14.94
N ASN A 135 3.39 -2.21 15.44
CA ASN A 135 3.33 -1.44 16.69
C ASN A 135 4.62 -0.61 16.81
N GLU A 136 4.78 0.02 17.98
CA GLU A 136 5.91 0.91 18.25
C GLU A 136 7.24 0.18 18.38
N SER A 137 7.22 -1.14 18.52
CA SER A 137 8.45 -1.89 18.69
C SER A 137 9.13 -2.26 17.38
N ASN A 138 8.41 -2.22 16.26
CA ASN A 138 9.04 -2.48 14.97
C ASN A 138 10.03 -1.39 14.60
N LYS A 139 11.25 -1.80 14.25
CA LYS A 139 12.26 -0.84 13.83
C LYS A 139 11.93 -0.31 12.43
N ILE A 140 12.26 0.95 12.20
CA ILE A 140 11.93 1.65 10.96
C ILE A 140 13.22 2.15 10.34
N PRO A 141 13.55 1.76 9.10
CA PRO A 141 14.76 2.30 8.45
C PRO A 141 14.62 3.78 8.18
N GLU A 142 15.75 4.48 8.10
CA GLU A 142 15.62 5.90 7.83
C GLU A 142 15.41 6.20 6.34
N GLY A 143 15.85 5.32 5.45
CA GLY A 143 15.48 5.50 4.06
C GLY A 143 13.99 5.32 3.77
N ALA A 144 13.21 4.86 4.75
CA ALA A 144 11.77 4.68 4.56
C ALA A 144 11.04 6.00 4.74
N ASN A 145 10.34 6.43 3.67
CA ASN A 145 9.58 7.66 3.61
C ASN A 145 8.09 7.47 3.76
N ILE A 146 7.61 6.24 3.56
CA ILE A 146 6.18 5.91 3.62
C ILE A 146 6.04 4.76 4.61
N ILE A 147 5.30 4.99 5.68
CA ILE A 147 5.01 3.98 6.69
C ILE A 147 3.51 3.74 6.75
N ALA A 148 3.15 2.46 6.84
CA ALA A 148 1.76 2.04 6.97
C ALA A 148 1.60 1.33 8.31
N TYR A 149 0.77 1.89 9.18
CA TYR A 149 0.43 1.24 10.43
C TYR A 149 -0.70 0.26 10.15
N ASP A 150 -0.43 -1.05 10.28
CA ASP A 150 -1.40 -2.10 9.96
C ASP A 150 -1.42 -3.15 11.08
N PRO A 151 -1.96 -2.79 12.25
CA PRO A 151 -1.91 -3.72 13.38
C PRO A 151 -2.83 -4.93 13.15
N LYS A 152 -2.32 -6.10 13.57
CA LYS A 152 -2.97 -7.38 13.28
C LYS A 152 -4.43 -7.40 13.75
N GLU A 153 -4.69 -6.86 14.95
CA GLU A 153 -6.02 -6.92 15.52
C GLU A 153 -7.05 -6.13 14.71
N ALA A 154 -6.62 -5.19 13.88
CA ALA A 154 -7.55 -4.39 13.08
C ALA A 154 -7.77 -4.96 11.69
N ILE A 155 -7.05 -6.01 11.30
CA ILE A 155 -7.08 -6.50 9.93
C ILE A 155 -8.24 -7.47 9.78
N GLY A 156 -9.21 -7.11 8.94
CA GLY A 156 -10.34 -7.96 8.64
C GLY A 156 -11.30 -8.19 9.79
N THR A 157 -11.10 -7.52 10.92
CA THR A 157 -11.89 -7.75 12.12
C THR A 157 -13.04 -6.76 12.29
N GLY A 158 -13.02 -5.64 11.56
CA GLY A 158 -13.87 -4.51 11.86
C GLY A 158 -13.40 -3.63 13.01
N LYS A 159 -12.36 -4.04 13.75
CA LYS A 159 -11.89 -3.30 14.92
C LYS A 159 -10.79 -2.33 14.50
N ASN A 160 -11.18 -1.32 13.73
CA ASN A 160 -10.21 -0.32 13.33
C ASN A 160 -9.77 0.50 14.54
N VAL A 161 -8.55 1.00 14.50
CA VAL A 161 -7.99 1.76 15.62
C VAL A 161 -8.63 3.15 15.63
N PRO A 162 -9.07 3.64 16.80
CA PRO A 162 -9.71 4.97 16.84
C PRO A 162 -8.83 6.03 16.17
N GLY A 163 -9.49 6.91 15.42
CA GLY A 163 -8.76 7.88 14.64
C GLY A 163 -7.77 8.67 15.47
N GLU A 164 -8.16 9.07 16.68
CA GLU A 164 -7.24 9.91 17.44
C GLU A 164 -6.07 9.11 18.02
N GLU A 165 -6.30 7.85 18.40
CA GLU A 165 -5.17 7.01 18.78
C GLU A 165 -4.22 6.82 17.61
N THR A 166 -4.76 6.72 16.38
CA THR A 166 -3.91 6.59 15.21
C THR A 166 -3.08 7.85 15.00
N ALA A 167 -3.70 9.04 15.12
CA ALA A 167 -2.96 10.28 14.96
C ALA A 167 -1.90 10.43 16.05
N THR A 168 -2.25 10.13 17.30
CA THR A 168 -1.33 10.13 18.41
C THR A 168 -0.15 9.19 18.16
N PHE A 169 -0.43 7.98 17.67
CA PHE A 169 0.60 7.00 17.38
C PHE A 169 1.65 7.58 16.44
N ARG A 170 1.20 8.23 15.36
CA ARG A 170 2.14 8.73 14.37
C ARG A 170 3.14 9.68 15.00
N LYS A 171 2.67 10.56 15.89
CA LYS A 171 3.53 11.54 16.55
C LYS A 171 4.58 10.88 17.45
N LYS A 172 4.39 9.62 17.80
CA LYS A 172 5.29 8.93 18.73
C LYS A 172 6.27 8.00 18.05
N LEU A 173 6.24 7.92 16.72
CA LEU A 173 7.07 6.97 15.99
C LEU A 173 8.44 7.56 15.69
N ASN A 174 9.38 6.67 15.36
CA ASN A 174 10.73 7.06 14.93
C ASN A 174 10.67 7.41 13.45
N LEU A 175 10.17 8.62 13.17
CA LEU A 175 9.87 9.09 11.83
C LEU A 175 10.25 10.56 11.69
N PHE A 176 10.83 10.92 10.54
CA PHE A 176 10.96 12.33 10.20
C PHE A 176 9.58 12.97 10.13
N PRO A 177 9.45 14.23 10.54
CA PRO A 177 8.15 14.90 10.48
C PRO A 177 7.55 14.90 9.10
N ASP A 178 8.34 14.88 8.03
CA ASP A 178 7.75 14.94 6.71
C ASP A 178 7.47 13.56 6.10
N ALA A 179 7.60 12.49 6.88
CA ALA A 179 7.30 11.17 6.32
C ALA A 179 5.81 11.02 6.04
N VAL A 180 5.51 10.16 5.06
CA VAL A 180 4.14 9.78 4.75
C VAL A 180 3.69 8.68 5.70
N PHE A 181 2.52 8.85 6.31
CA PHE A 181 1.98 7.89 7.27
C PHE A 181 0.60 7.44 6.81
N LEU A 182 0.44 6.14 6.57
CA LEU A 182 -0.83 5.56 6.18
C LEU A 182 -1.40 4.73 7.32
N TYR A 183 -2.72 4.56 7.31
CA TYR A 183 -3.37 3.65 8.25
C TYR A 183 -4.02 2.52 7.48
N GLY A 184 -3.84 1.31 7.97
CA GLY A 184 -4.54 0.16 7.41
C GLY A 184 -5.07 -0.69 8.54
N GLY A 185 -6.23 -1.30 8.29
CA GLY A 185 -6.95 -2.09 9.26
C GLY A 185 -8.44 -1.77 9.32
N SER A 186 -9.25 -2.56 8.60
CA SER A 186 -10.71 -2.34 8.50
C SER A 186 -11.06 -0.91 8.11
N VAL A 187 -10.35 -0.39 7.12
CA VAL A 187 -10.74 0.85 6.48
C VAL A 187 -11.77 0.49 5.41
N ASN A 188 -12.99 0.99 5.57
CA ASN A 188 -14.08 0.76 4.63
C ASN A 188 -14.82 2.09 4.47
N PRO A 189 -15.83 2.20 3.60
CA PRO A 189 -16.45 3.54 3.38
C PRO A 189 -17.11 4.15 4.61
N GLU A 190 -17.48 3.36 5.63
CA GLU A 190 -17.92 3.94 6.89
C GLU A 190 -16.73 4.30 7.81
N SER A 191 -15.71 3.44 7.88
CA SER A 191 -14.59 3.65 8.81
C SER A 191 -13.79 4.89 8.49
N ILE A 192 -13.62 5.16 7.19
CA ILE A 192 -12.60 6.08 6.72
C ILE A 192 -12.81 7.50 7.22
N ASP A 193 -14.06 7.88 7.50
CA ASP A 193 -14.33 9.23 7.95
C ASP A 193 -13.66 9.50 9.30
N GLU A 194 -13.48 8.47 10.11
CA GLU A 194 -12.84 8.61 11.40
C GLU A 194 -11.39 9.07 11.29
N TYR A 195 -10.74 8.88 10.14
CA TYR A 195 -9.35 9.28 9.99
C TYR A 195 -9.16 10.56 9.20
N LEU A 196 -10.12 10.93 8.35
CA LEU A 196 -9.95 12.07 7.46
C LEU A 196 -9.85 13.40 8.21
N SER A 197 -10.32 13.46 9.45
CA SER A 197 -10.19 14.69 10.20
C SER A 197 -8.83 14.85 10.88
N HIS A 198 -7.91 13.89 10.72
CA HIS A 198 -6.59 14.01 11.34
C HIS A 198 -5.53 14.20 10.28
N PRO A 199 -4.92 15.38 10.16
CA PRO A 199 -3.90 15.60 9.11
C PRO A 199 -2.65 14.75 9.27
N GLU A 200 -2.42 14.14 10.43
CA GLU A 200 -1.27 13.25 10.62
C GLU A 200 -1.35 12.00 9.77
N ILE A 201 -2.54 11.70 9.25
CA ILE A 201 -2.80 10.47 8.49
C ILE A 201 -2.91 10.86 7.02
N ASN A 202 -1.98 10.36 6.20
CA ASN A 202 -1.82 10.81 4.83
C ASN A 202 -2.39 9.82 3.80
N GLY A 203 -3.08 8.79 4.23
CA GLY A 203 -3.59 7.83 3.28
C GLY A 203 -3.93 6.51 3.97
N PHE A 204 -4.23 5.52 3.13
CA PHE A 204 -4.79 4.28 3.65
C PHE A 204 -4.27 3.07 2.89
N LEU A 205 -4.12 1.98 3.65
CA LEU A 205 -3.85 0.66 3.11
C LEU A 205 -5.13 -0.14 3.26
N VAL A 206 -5.73 -0.55 2.14
CA VAL A 206 -7.08 -1.11 2.12
C VAL A 206 -7.00 -2.56 1.62
N GLY A 207 -7.34 -3.50 2.47
CA GLY A 207 -7.38 -4.89 2.07
C GLY A 207 -8.76 -5.32 1.61
N GLY A 208 -9.59 -5.71 2.57
CA GLY A 208 -10.92 -6.22 2.26
C GLY A 208 -11.72 -5.30 1.36
N SER A 209 -11.84 -4.03 1.74
CA SER A 209 -12.66 -3.11 0.97
C SER A 209 -12.01 -2.67 -0.33
N SER A 210 -10.96 -3.35 -0.76
CA SER A 210 -10.34 -3.06 -2.05
C SER A 210 -10.68 -4.08 -3.12
N LEU A 211 -11.24 -5.23 -2.75
CA LEU A 211 -11.46 -6.29 -3.74
C LEU A 211 -12.58 -5.89 -4.71
N ASP A 212 -13.68 -5.37 -4.21
CA ASP A 212 -14.74 -4.80 -5.07
C ASP A 212 -14.31 -3.43 -5.57
N PRO A 213 -14.12 -3.25 -6.88
CA PRO A 213 -13.61 -1.96 -7.37
C PRO A 213 -14.60 -0.82 -7.22
N GLU A 214 -15.87 -1.11 -6.95
CA GLU A 214 -16.82 -0.03 -6.69
C GLU A 214 -16.73 0.44 -5.25
N GLU A 215 -16.77 -0.51 -4.30
CA GLU A 215 -16.51 -0.16 -2.90
C GLU A 215 -15.20 0.58 -2.76
N PHE A 216 -14.16 0.11 -3.46
CA PHE A 216 -12.87 0.77 -3.37
C PHE A 216 -12.94 2.20 -3.91
N PHE A 217 -13.76 2.42 -4.93
CA PHE A 217 -13.82 3.78 -5.44
C PHE A 217 -14.65 4.69 -4.54
N GLU A 218 -15.57 4.14 -3.74
CA GLU A 218 -16.22 4.97 -2.74
C GLU A 218 -15.17 5.56 -1.80
N LEU A 219 -14.18 4.75 -1.41
CA LEU A 219 -13.04 5.21 -0.62
C LEU A 219 -12.23 6.26 -1.37
N VAL A 220 -11.91 5.99 -2.63
CA VAL A 220 -11.15 6.95 -3.43
C VAL A 220 -11.85 8.30 -3.49
N LYS A 221 -13.18 8.30 -3.61
CA LYS A 221 -13.93 9.55 -3.78
C LYS A 221 -13.90 10.42 -2.52
N LYS A 222 -13.53 9.86 -1.38
CA LYS A 222 -13.57 10.58 -0.11
C LYS A 222 -12.26 11.30 0.23
N LEU A 223 -11.23 11.22 -0.61
CA LEU A 223 -9.93 11.76 -0.21
C LEU A 223 -9.73 13.23 -0.59
P PO4 B . -8.40 -5.07 5.92
O1 PO4 B . -9.06 -4.94 7.28
O2 PO4 B . -8.58 -3.77 5.14
O3 PO4 B . -8.99 -6.23 5.14
O4 PO4 B . -6.92 -5.34 6.15
#